data_4WSF
#
_entry.id   4WSF
#
_cell.length_a   67.755
_cell.length_b   67.755
_cell.length_c   53.370
_cell.angle_alpha   90.000
_cell.angle_beta   90.000
_cell.angle_gamma   120.000
#
_symmetry.space_group_name_H-M   'P 61'
#
loop_
_entity.id
_entity.type
_entity.pdbx_description
1 polymer 'Serine/threonine-protein phosphatase 4 regulatory subunit 3'
2 polymer Cenp-C
3 non-polymer 'SULFATE ION'
4 water water
#
loop_
_entity_poly.entity_id
_entity_poly.type
_entity_poly.pdbx_seq_one_letter_code
_entity_poly.pdbx_strand_id
1 'polypeptide(L)'
;TTDTRRRVKLYALNAERQWDDRGTGHVSSTYVERLKGISLLVRAESDGSLLLESKIQPDTAYQKQQDTLIVWSEGDNFDL
ALSFQEKAGCDEIWEKICQVQGKDPSVEITQDIVEESEDERF
;
A
2 'polypeptide(L)' PDESSADVVFKKPLAPAPR B
#
# COMPACT_ATOMS: atom_id res chain seq x y z
N ASP A 3 -11.44 14.37 4.62
CA ASP A 3 -11.19 13.76 3.32
C ASP A 3 -11.39 12.25 3.38
N THR A 4 -11.88 11.69 2.28
CA THR A 4 -12.05 10.23 2.17
C THR A 4 -11.31 9.61 0.99
N ARG A 5 -10.90 10.40 0.01
CA ARG A 5 -10.30 9.79 -1.19
C ARG A 5 -9.03 9.02 -0.84
N ARG A 6 -8.27 9.49 0.15
CA ARG A 6 -7.03 8.82 0.54
C ARG A 6 -7.16 8.04 1.84
N ARG A 7 -8.39 7.75 2.24
CA ARG A 7 -8.63 7.01 3.45
C ARG A 7 -8.37 5.54 3.19
N VAL A 8 -7.60 4.93 4.09
CA VAL A 8 -7.18 3.53 3.94
C VAL A 8 -7.21 2.80 5.26
N LYS A 9 -7.20 1.48 5.17
CA LYS A 9 -6.88 0.63 6.30
C LYS A 9 -5.58 -0.10 5.94
N LEU A 10 -4.65 -0.18 6.88
CA LEU A 10 -3.42 -0.95 6.69
C LEU A 10 -3.60 -2.33 7.28
N TYR A 11 -3.36 -3.37 6.48
CA TYR A 11 -3.37 -4.75 6.94
C TYR A 11 -1.96 -5.30 6.88
N ALA A 12 -1.64 -6.16 7.84
CA ALA A 12 -0.37 -6.87 7.83
C ALA A 12 -0.62 -8.34 8.11
N LEU A 13 0.05 -9.21 7.35
CA LEU A 13 -0.08 -10.65 7.50
C LEU A 13 0.70 -11.15 8.72
N ASN A 14 0.03 -11.84 9.62
CA ASN A 14 0.69 -12.32 10.83
C ASN A 14 1.20 -13.74 10.69
N ALA A 15 1.87 -14.23 11.74
CA ALA A 15 2.45 -15.57 11.76
C ALA A 15 1.39 -16.65 11.53
N GLU A 16 0.16 -16.36 11.95
CA GLU A 16 -0.95 -17.28 11.77
C GLU A 16 -1.60 -17.09 10.40
N ARG A 17 -1.00 -16.23 9.59
CA ARG A 17 -1.48 -15.96 8.23
C ARG A 17 -2.90 -15.38 8.21
N GLN A 18 -3.22 -14.59 9.22
CA GLN A 18 -4.40 -13.75 9.17
C GLN A 18 -3.94 -12.35 8.82
N TRP A 19 -4.75 -11.62 8.05
CA TRP A 19 -4.49 -10.21 7.82
C TRP A 19 -4.95 -9.42 9.02
N ASP A 20 -3.99 -8.86 9.75
CA ASP A 20 -4.29 -8.08 10.94
C ASP A 20 -4.57 -6.63 10.58
N ASP A 21 -5.66 -6.10 11.09
CA ASP A 21 -6.04 -4.72 10.88
C ASP A 21 -5.16 -3.84 11.78
N ARG A 22 -4.29 -3.06 11.16
CA ARG A 22 -3.33 -2.21 11.87
C ARG A 22 -3.81 -0.77 12.08
N GLY A 23 -4.96 -0.44 11.52
CA GLY A 23 -5.55 0.85 11.74
C GLY A 23 -5.97 1.57 10.47
N THR A 24 -6.85 2.54 10.67
CA THR A 24 -7.34 3.39 9.59
C THR A 24 -6.53 4.68 9.54
N GLY A 25 -6.31 5.20 8.35
CA GLY A 25 -5.52 6.41 8.21
C GLY A 25 -5.66 7.00 6.83
N HIS A 26 -4.79 7.96 6.54
CA HIS A 26 -4.75 8.60 5.23
C HIS A 26 -3.38 8.47 4.61
N VAL A 27 -3.37 8.09 3.35
CA VAL A 27 -2.14 7.77 2.64
C VAL A 27 -1.69 8.90 1.72
N SER A 28 -0.37 9.09 1.67
CA SER A 28 0.24 10.05 0.78
C SER A 28 1.58 9.49 0.33
N SER A 29 2.22 10.19 -0.60
CA SER A 29 3.61 9.86 -0.94
C SER A 29 4.46 11.11 -0.88
N THR A 30 5.72 10.92 -0.55
CA THR A 30 6.66 12.03 -0.55
C THR A 30 8.07 11.47 -0.46
N TYR A 31 9.05 12.31 -0.77
CA TYR A 31 10.43 11.91 -0.58
C TYR A 31 10.79 11.93 0.89
N VAL A 32 11.38 10.84 1.35
CA VAL A 32 11.84 10.72 2.73
C VAL A 32 13.35 10.55 2.71
N GLU A 33 14.06 11.56 3.23
CA GLU A 33 15.51 11.58 3.18
C GLU A 33 16.15 10.37 3.86
N ARG A 34 15.63 9.99 5.03
CA ARG A 34 16.25 8.91 5.80
C ARG A 34 16.10 7.60 5.05
N LEU A 35 15.17 7.56 4.10
CA LEU A 35 14.95 6.38 3.27
C LEU A 35 15.51 6.55 1.86
N LYS A 36 15.91 7.78 1.51
CA LYS A 36 16.49 8.06 0.21
C LYS A 36 15.55 7.66 -0.93
N GLY A 37 14.28 8.04 -0.84
CA GLY A 37 13.40 7.81 -1.97
C GLY A 37 11.98 8.18 -1.65
N ILE A 38 11.16 8.23 -2.71
CA ILE A 38 9.73 8.42 -2.57
C ILE A 38 9.18 7.26 -1.76
N SER A 39 8.32 7.58 -0.79
CA SER A 39 7.84 6.62 0.17
C SER A 39 6.33 6.78 0.36
N LEU A 40 5.68 5.70 0.72
CA LEU A 40 4.26 5.76 1.10
C LEU A 40 4.15 6.01 2.59
N LEU A 41 3.33 6.99 2.95
CA LEU A 41 3.09 7.36 4.34
C LEU A 41 1.63 7.18 4.65
N VAL A 42 1.31 6.57 5.77
CA VAL A 42 -0.07 6.49 6.25
C VAL A 42 -0.13 7.14 7.61
N ARG A 43 -0.97 8.16 7.73
CA ARG A 43 -1.17 8.86 8.99
C ARG A 43 -2.44 8.37 9.66
N ALA A 44 -2.30 7.93 10.91
CA ALA A 44 -3.39 7.31 11.65
C ALA A 44 -4.50 8.30 11.96
N GLU A 45 -5.74 7.88 11.77
CA GLU A 45 -6.87 8.67 12.21
C GLU A 45 -6.93 8.78 13.74
N SER A 46 -6.47 7.74 14.41
CA SER A 46 -6.51 7.69 15.87
C SER A 46 -5.73 8.82 16.52
N ASP A 47 -4.46 8.97 16.15
CA ASP A 47 -3.58 9.89 16.88
C ASP A 47 -2.63 10.67 15.99
N GLY A 48 -2.79 10.54 14.68
CA GLY A 48 -1.99 11.30 13.73
C GLY A 48 -0.57 10.81 13.55
N SER A 49 -0.25 9.65 14.11
CA SER A 49 1.09 9.07 14.00
C SER A 49 1.25 8.42 12.65
N LEU A 50 2.49 8.14 12.27
CA LEU A 50 2.74 7.42 11.02
C LEU A 50 2.61 5.93 11.27
N LEU A 51 1.52 5.39 10.76
CA LEU A 51 1.23 3.97 10.81
C LEU A 51 2.15 3.22 9.84
N LEU A 52 2.49 3.89 8.75
CA LEU A 52 3.35 3.33 7.71
C LEU A 52 4.27 4.39 7.16
N GLU A 53 5.54 4.03 6.95
CA GLU A 53 6.48 4.87 6.22
C GLU A 53 7.37 3.91 5.43
N SER A 54 7.02 3.70 4.17
CA SER A 54 7.54 2.59 3.36
C SER A 54 8.10 3.07 2.04
N LYS A 55 9.40 2.90 1.85
CA LYS A 55 10.03 3.34 0.61
C LYS A 55 9.53 2.52 -0.54
N ILE A 56 9.30 3.18 -1.68
CA ILE A 56 8.92 2.46 -2.88
C ILE A 56 10.23 2.00 -3.55
N GLN A 57 10.60 0.76 -3.31
CA GLN A 57 11.84 0.21 -3.92
C GLN A 57 11.62 0.02 -5.42
N PRO A 58 12.70 0.04 -6.21
CA PRO A 58 12.47 -0.02 -7.65
C PRO A 58 12.01 -1.38 -8.14
N ASP A 59 12.23 -2.43 -7.35
CA ASP A 59 12.01 -3.78 -7.83
C ASP A 59 10.96 -4.57 -7.06
N THR A 60 10.25 -3.89 -6.16
CA THR A 60 9.21 -4.54 -5.40
C THR A 60 8.01 -4.83 -6.29
N ALA A 61 7.47 -6.03 -6.17
CA ALA A 61 6.26 -6.38 -6.88
C ALA A 61 5.05 -5.92 -6.09
N TYR A 62 4.49 -4.79 -6.48
CA TYR A 62 3.22 -4.33 -5.92
C TYR A 62 2.13 -4.92 -6.76
N GLN A 63 1.08 -5.41 -6.11
CA GLN A 63 -0.05 -6.00 -6.81
C GLN A 63 -1.33 -5.26 -6.44
N LYS A 64 -2.08 -4.86 -7.45
CA LYS A 64 -3.38 -4.24 -7.23
C LYS A 64 -4.43 -5.32 -7.28
N GLN A 65 -5.18 -5.49 -6.18
CA GLN A 65 -6.23 -6.49 -6.10
C GLN A 65 -7.58 -5.83 -5.95
N GLN A 66 -8.56 -6.33 -6.69
CA GLN A 66 -9.96 -5.91 -6.52
C GLN A 66 -10.17 -4.40 -6.58
N ASP A 67 -9.35 -3.75 -7.38
CA ASP A 67 -9.40 -2.29 -7.64
C ASP A 67 -9.05 -1.41 -6.45
N THR A 68 -9.08 -1.91 -5.22
CA THR A 68 -8.91 -1.04 -4.05
C THR A 68 -7.87 -1.52 -3.06
N LEU A 69 -7.16 -2.61 -3.39
CA LEU A 69 -6.07 -3.11 -2.55
C LEU A 69 -4.74 -2.98 -3.27
N ILE A 70 -3.74 -2.50 -2.57
CA ILE A 70 -2.35 -2.52 -3.03
C ILE A 70 -1.59 -3.42 -2.05
N VAL A 71 -1.03 -4.51 -2.57
CA VAL A 71 -0.48 -5.58 -1.75
C VAL A 71 0.96 -5.84 -2.15
N TRP A 72 1.85 -5.97 -1.18
CA TRP A 72 3.26 -6.20 -1.48
C TRP A 72 3.99 -6.85 -0.32
N SER A 73 5.16 -7.39 -0.64
CA SER A 73 6.06 -7.90 0.37
C SER A 73 7.07 -6.83 0.75
N GLU A 74 7.08 -6.47 2.04
CA GLU A 74 7.86 -5.35 2.56
C GLU A 74 9.20 -5.88 3.07
N GLY A 75 9.30 -7.19 3.22
CA GLY A 75 10.53 -7.86 3.57
C GLY A 75 10.30 -9.34 3.69
N ASP A 76 11.31 -10.09 4.12
CA ASP A 76 11.13 -11.50 4.40
C ASP A 76 10.07 -11.68 5.49
N ASN A 77 9.08 -12.52 5.20
CA ASN A 77 8.00 -12.79 6.15
C ASN A 77 7.27 -11.51 6.60
N PHE A 78 7.20 -10.52 5.71
CA PHE A 78 6.56 -9.25 6.03
C PHE A 78 5.68 -8.76 4.87
N ASP A 79 4.40 -9.12 4.92
CA ASP A 79 3.45 -8.79 3.86
C ASP A 79 2.46 -7.71 4.30
N LEU A 80 2.30 -6.70 3.47
CA LEU A 80 1.42 -5.56 3.75
C LEU A 80 0.36 -5.38 2.68
N ALA A 81 -0.74 -4.76 3.08
CA ALA A 81 -1.79 -4.37 2.13
C ALA A 81 -2.39 -3.05 2.56
N LEU A 82 -2.56 -2.17 1.58
CA LEU A 82 -3.34 -0.94 1.78
C LEU A 82 -4.71 -1.18 1.19
N SER A 83 -5.74 -1.03 2.01
CA SER A 83 -7.12 -1.23 1.58
C SER A 83 -7.76 0.13 1.48
N PHE A 84 -8.12 0.52 0.27
CA PHE A 84 -8.64 1.87 0.03
C PHE A 84 -10.16 1.91 0.16
N GLN A 85 -10.64 2.97 0.77
CA GLN A 85 -12.08 3.24 0.79
C GLN A 85 -12.60 3.48 -0.63
N GLU A 86 -11.81 4.18 -1.44
CA GLU A 86 -12.22 4.62 -2.79
C GLU A 86 -11.29 4.14 -3.87
N LYS A 87 -11.81 3.60 -4.97
CA LYS A 87 -10.95 3.23 -6.11
C LYS A 87 -10.15 4.43 -6.59
N ALA A 88 -10.77 5.61 -6.60
CA ALA A 88 -10.09 6.80 -7.10
C ALA A 88 -8.82 7.06 -6.32
N GLY A 89 -8.83 6.80 -5.01
CA GLY A 89 -7.64 7.00 -4.19
C GLY A 89 -6.60 5.93 -4.47
N CYS A 90 -7.07 4.70 -4.63
CA CYS A 90 -6.19 3.60 -4.96
C CYS A 90 -5.47 3.91 -6.28
N ASP A 91 -6.21 4.43 -7.26
CA ASP A 91 -5.63 4.75 -8.54
C ASP A 91 -4.53 5.80 -8.41
N GLU A 92 -4.72 6.80 -7.55
CA GLU A 92 -3.72 7.85 -7.39
C GLU A 92 -2.42 7.29 -6.84
N ILE A 93 -2.52 6.47 -5.80
CA ILE A 93 -1.32 5.90 -5.19
C ILE A 93 -0.68 4.91 -6.15
N TRP A 94 -1.48 4.12 -6.85
CA TRP A 94 -0.96 3.17 -7.83
C TRP A 94 -0.20 3.90 -8.91
N GLU A 95 -0.76 5.02 -9.38
CA GLU A 95 -0.07 5.80 -10.41
C GLU A 95 1.30 6.27 -9.91
N LYS A 96 1.39 6.66 -8.65
CA LYS A 96 2.66 7.13 -8.11
C LYS A 96 3.66 5.99 -8.00
N ILE A 97 3.20 4.83 -7.56
CA ILE A 97 4.08 3.67 -7.50
C ILE A 97 4.61 3.37 -8.88
N CYS A 98 3.72 3.39 -9.86
CA CYS A 98 4.11 3.10 -11.23
C CYS A 98 5.07 4.14 -11.79
N GLN A 99 4.86 5.40 -11.44
CA GLN A 99 5.81 6.45 -11.85
C GLN A 99 7.20 6.23 -11.27
N VAL A 100 7.27 5.85 -10.01
CA VAL A 100 8.55 5.59 -9.37
C VAL A 100 9.25 4.40 -10.01
N GLN A 101 8.51 3.33 -10.31
CA GLN A 101 9.16 2.12 -10.85
C GLN A 101 9.32 2.12 -12.36
N GLY A 102 8.61 3.04 -13.04
CA GLY A 102 8.66 3.12 -14.49
C GLY A 102 7.69 2.18 -15.19
N LYS A 103 6.49 2.02 -14.64
CA LYS A 103 5.49 1.13 -15.20
C LYS A 103 4.33 1.89 -15.83
N ASP A 104 3.73 1.28 -16.86
CA ASP A 104 2.41 1.69 -17.34
C ASP A 104 1.40 1.47 -16.20
N PRO A 105 0.64 2.52 -15.80
CA PRO A 105 -0.27 2.34 -14.67
C PRO A 105 -1.45 1.42 -14.92
N SER A 106 -1.63 0.98 -16.17
CA SER A 106 -2.65 -0.02 -16.46
C SER A 106 -2.21 -1.42 -16.02
N VAL A 107 -0.94 -1.60 -15.61
CA VAL A 107 -0.53 -2.92 -15.13
C VAL A 107 -1.25 -3.22 -13.82
N GLU A 108 -1.42 -4.49 -13.52
CA GLU A 108 -2.05 -4.91 -12.27
C GLU A 108 -1.02 -5.45 -11.29
N ILE A 109 0.20 -5.66 -11.79
CA ILE A 109 1.33 -6.02 -10.94
C ILE A 109 2.55 -5.35 -11.54
N THR A 110 3.43 -4.82 -10.69
CA THR A 110 4.50 -3.96 -11.21
C THR A 110 5.77 -4.71 -11.57
N GLN A 111 5.78 -6.02 -11.32
CA GLN A 111 6.91 -6.86 -11.72
C GLN A 111 6.41 -8.19 -12.27
N ASP A 112 7.20 -8.80 -13.14
CA ASP A 112 6.88 -10.12 -13.69
C ASP A 112 7.35 -11.23 -12.74
N ILE A 113 6.44 -12.12 -12.34
CA ILE A 113 6.69 -13.13 -11.29
C ILE A 113 6.83 -12.44 -9.93
N VAL B 8 -17.27 -3.97 4.66
CA VAL B 8 -18.01 -3.38 3.55
C VAL B 8 -17.29 -2.10 3.06
N VAL B 9 -16.71 -1.33 3.97
CA VAL B 9 -16.00 -0.11 3.61
C VAL B 9 -14.62 -0.44 3.06
N PHE B 10 -13.92 -1.34 3.75
CA PHE B 10 -12.55 -1.73 3.39
C PHE B 10 -12.48 -3.22 3.05
N LYS B 11 -12.13 -3.55 1.81
CA LYS B 11 -11.90 -4.95 1.44
C LYS B 11 -10.69 -5.54 2.20
N LYS B 12 -10.74 -6.82 2.52
CA LYS B 12 -9.58 -7.53 3.06
C LYS B 12 -8.87 -8.27 1.92
N PRO B 13 -7.52 -8.36 1.97
CA PRO B 13 -6.85 -9.07 0.88
C PRO B 13 -7.20 -10.53 0.81
N LEU B 14 -7.09 -11.12 -0.37
CA LEU B 14 -7.35 -12.53 -0.55
C LEU B 14 -6.08 -13.35 -0.26
N ALA B 15 -5.01 -13.07 -0.99
CA ALA B 15 -3.70 -13.69 -0.72
C ALA B 15 -2.65 -12.61 -0.69
N PRO B 16 -1.44 -12.92 -0.15
CA PRO B 16 -0.37 -11.92 -0.22
C PRO B 16 0.17 -11.82 -1.63
N ALA B 17 1.04 -10.85 -1.91
CA ALA B 17 1.57 -10.69 -3.26
C ALA B 17 2.53 -11.82 -3.52
N PRO B 18 2.86 -12.06 -4.80
CA PRO B 18 3.91 -13.05 -5.09
C PRO B 18 5.30 -12.43 -5.06
#